data_9HYZ
#
_entry.id   9HYZ
#
_cell.length_a   107.314
_cell.length_b   107.314
_cell.length_c   107.314
_cell.angle_alpha   90
_cell.angle_beta   90
_cell.angle_gamma   90
#
_symmetry.space_group_name_H-M   'P 21 3'
#
loop_
_entity.id
_entity.type
_entity.pdbx_description
1 polymer 'Cytochrome c'
2 non-polymer 'HEME C'
3 non-polymer 'ZINC ION'
4 non-polymer GLYCEROL
5 water water
#
_entity_poly.entity_id   1
_entity_poly.type   'polypeptide(L)'
_entity_poly.pdbx_seq_one_letter_code
;MNKPSFLLVGLLVVSGVLGAAETKVKYPDGFRSWYHVKSMVIQPGHPLENPFGGIHHVYANAEAIQGLRGGNYPDGAVLV
FDLFDYQEDNHALVEGKRKLIGVMERDAKRFSATGGWGYEGFGEGKPDKRLVTDGGQGCFGCHAAQKESQYVFSRLRD
;
_entity_poly.pdbx_strand_id   B,A
#
loop_
_chem_comp.id
_chem_comp.type
_chem_comp.name
_chem_comp.formula
GOL non-polymer GLYCEROL 'C3 H8 O3'
HEC non-polymer 'HEME C' 'C34 H34 Fe N4 O4'
ZN non-polymer 'ZINC ION' 'Zn 2'
#
# COMPACT_ATOMS: atom_id res chain seq x y z
N GLU A 22 -23.20 17.62 -14.84
CA GLU A 22 -22.55 16.40 -14.28
C GLU A 22 -22.46 15.32 -15.35
N THR A 23 -21.27 14.69 -15.45
CA THR A 23 -21.03 13.49 -16.22
C THR A 23 -20.31 12.49 -15.32
N LYS A 24 -20.24 11.22 -15.72
CA LYS A 24 -19.87 10.16 -14.79
C LYS A 24 -18.35 9.99 -14.72
N VAL A 25 -17.86 9.68 -13.52
CA VAL A 25 -16.47 9.33 -13.30
C VAL A 25 -16.26 7.90 -13.81
N LYS A 26 -15.20 7.71 -14.60
CA LYS A 26 -14.84 6.41 -15.14
C LYS A 26 -14.33 5.51 -14.02
N TYR A 27 -14.65 4.23 -14.13
CA TYR A 27 -14.07 3.25 -13.22
C TYR A 27 -12.58 3.15 -13.51
N PRO A 28 -11.70 3.24 -12.49
CA PRO A 28 -10.25 3.23 -12.72
C PRO A 28 -9.65 1.84 -12.88
N ASP A 29 -9.95 1.18 -14.01
CA ASP A 29 -9.37 -0.11 -14.34
C ASP A 29 -7.86 -0.11 -14.12
N GLY A 30 -7.38 -1.15 -13.44
CA GLY A 30 -5.95 -1.38 -13.24
C GLY A 30 -5.34 -0.48 -12.18
N PHE A 31 -6.16 0.03 -11.26
CA PHE A 31 -5.65 0.94 -10.24
C PHE A 31 -4.70 0.21 -9.29
N ARG A 32 -4.82 -1.12 -9.21
CA ARG A 32 -4.06 -1.88 -8.23
C ARG A 32 -2.57 -1.89 -8.56
N SER A 33 -2.25 -1.61 -9.83
N SER A 33 -2.24 -1.62 -9.84
CA SER A 33 -0.87 -1.59 -10.31
CA SER A 33 -0.86 -1.59 -10.29
C SER A 33 -0.22 -0.24 -10.05
C SER A 33 -0.35 -0.17 -10.34
N TRP A 34 -1.03 0.74 -9.63
CA TRP A 34 -0.57 2.12 -9.52
C TRP A 34 0.34 2.30 -8.31
N TYR A 35 0.90 3.51 -8.19
CA TYR A 35 1.82 3.86 -7.12
C TYR A 35 1.05 3.96 -5.79
N HIS A 36 1.55 3.26 -4.78
CA HIS A 36 0.97 3.29 -3.46
C HIS A 36 1.49 4.54 -2.74
N VAL A 37 0.61 5.53 -2.55
CA VAL A 37 0.92 6.79 -1.92
C VAL A 37 1.10 6.58 -0.42
N LYS A 38 0.09 6.02 0.23
CA LYS A 38 0.09 5.87 1.68
C LYS A 38 -1.07 4.99 2.11
N SER A 39 -1.06 4.66 3.41
CA SER A 39 -2.12 3.90 4.04
C SER A 39 -2.46 4.55 5.38
N MET A 40 -3.67 4.26 5.86
CA MET A 40 -4.10 4.71 7.16
C MET A 40 -5.14 3.73 7.69
N VAL A 41 -5.18 3.55 9.00
CA VAL A 41 -6.21 2.74 9.63
C VAL A 41 -7.16 3.68 10.36
N ILE A 42 -8.46 3.51 10.11
CA ILE A 42 -9.50 4.25 10.82
C ILE A 42 -10.35 3.24 11.59
N GLN A 43 -10.39 3.41 12.91
CA GLN A 43 -11.06 2.45 13.78
C GLN A 43 -12.37 3.03 14.31
N PRO A 44 -13.25 2.19 14.89
CA PRO A 44 -14.48 2.67 15.52
C PRO A 44 -14.21 3.84 16.48
N GLY A 45 -15.02 4.89 16.35
CA GLY A 45 -14.88 6.05 17.21
C GLY A 45 -14.25 7.23 16.48
N HIS A 46 -13.52 6.95 15.40
CA HIS A 46 -12.98 8.04 14.60
C HIS A 46 -14.14 8.79 13.95
N PRO A 47 -14.06 10.13 13.77
CA PRO A 47 -15.04 10.89 12.99
C PRO A 47 -15.48 10.30 11.64
N LEU A 48 -14.58 9.53 10.99
CA LEU A 48 -14.84 9.09 9.63
C LEU A 48 -15.21 7.60 9.58
N GLU A 49 -15.56 7.03 10.74
N GLU A 49 -15.57 7.02 10.73
CA GLU A 49 -15.90 5.62 10.84
CA GLU A 49 -15.88 5.59 10.80
C GLU A 49 -16.95 5.25 9.79
C GLU A 49 -16.95 5.23 9.78
N ASN A 50 -18.02 6.05 9.72
CA ASN A 50 -19.03 5.92 8.68
C ASN A 50 -18.78 7.05 7.68
N PRO A 51 -18.39 6.74 6.42
CA PRO A 51 -18.26 5.37 5.95
C PRO A 51 -16.86 4.82 5.72
N PHE A 52 -15.84 5.39 6.36
CA PHE A 52 -14.46 5.18 5.92
C PHE A 52 -13.68 4.28 6.88
N GLY A 53 -14.36 3.65 7.83
CA GLY A 53 -13.71 2.79 8.80
C GLY A 53 -13.09 1.58 8.12
N GLY A 54 -11.90 1.20 8.61
CA GLY A 54 -11.10 0.13 8.03
C GLY A 54 -9.68 0.60 7.67
N ILE A 55 -8.95 -0.28 6.97
CA ILE A 55 -7.62 0.02 6.45
C ILE A 55 -7.81 0.54 5.03
N HIS A 56 -7.30 1.74 4.74
CA HIS A 56 -7.33 2.19 3.36
C HIS A 56 -5.92 2.45 2.84
N HIS A 57 -5.78 2.28 1.51
CA HIS A 57 -4.56 2.60 0.78
C HIS A 57 -4.93 3.59 -0.32
N VAL A 58 -4.07 4.60 -0.50
CA VAL A 58 -4.22 5.59 -1.55
C VAL A 58 -3.30 5.19 -2.71
N TYR A 59 -3.86 5.14 -3.93
CA TYR A 59 -3.14 4.89 -5.16
C TYR A 59 -3.30 6.08 -6.11
N ALA A 60 -2.25 6.34 -6.91
CA ALA A 60 -2.21 7.44 -7.86
C ALA A 60 -1.65 6.96 -9.19
N ASN A 61 -2.29 7.34 -10.29
CA ASN A 61 -1.75 7.10 -11.62
C ASN A 61 -0.60 8.07 -11.86
N ALA A 62 0.09 7.91 -12.99
CA ALA A 62 1.28 8.70 -13.32
C ALA A 62 0.96 10.20 -13.27
N GLU A 63 -0.18 10.58 -13.87
CA GLU A 63 -0.61 11.97 -13.94
C GLU A 63 -0.90 12.55 -12.55
N ALA A 64 -1.36 11.70 -11.61
CA ALA A 64 -1.63 12.20 -10.26
C ALA A 64 -0.33 12.43 -9.49
N ILE A 65 0.70 11.64 -9.81
CA ILE A 65 1.99 11.74 -9.16
C ILE A 65 2.59 13.11 -9.44
N GLN A 66 2.39 13.62 -10.66
CA GLN A 66 2.85 14.95 -11.02
C GLN A 66 2.36 16.00 -10.04
N GLY A 67 1.06 15.96 -9.73
CA GLY A 67 0.44 16.92 -8.83
C GLY A 67 0.95 16.75 -7.41
N LEU A 68 1.12 15.49 -7.01
CA LEU A 68 1.60 15.16 -5.67
C LEU A 68 3.02 15.67 -5.47
N ARG A 69 3.83 15.67 -6.54
CA ARG A 69 5.23 16.07 -6.38
C ARG A 69 5.39 17.59 -6.52
N GLY A 70 4.30 18.31 -6.80
CA GLY A 70 4.32 19.74 -6.65
C GLY A 70 3.96 20.50 -7.92
N GLY A 71 3.76 19.76 -9.03
CA GLY A 71 3.19 20.36 -10.22
C GLY A 71 1.70 20.63 -10.06
N ASN A 72 1.07 21.09 -11.14
CA ASN A 72 -0.37 21.14 -11.28
C ASN A 72 -0.87 19.73 -11.59
N TYR A 73 -2.12 19.43 -11.21
CA TYR A 73 -2.71 18.15 -11.55
C TYR A 73 -3.21 18.23 -13.00
N PRO A 74 -2.63 17.46 -13.96
CA PRO A 74 -3.14 17.49 -15.33
C PRO A 74 -4.46 16.73 -15.41
N ASP A 75 -5.31 17.13 -16.37
CA ASP A 75 -6.51 16.37 -16.66
C ASP A 75 -6.08 14.92 -16.89
N GLY A 76 -6.87 13.96 -16.37
CA GLY A 76 -6.52 12.55 -16.50
C GLY A 76 -5.89 11.98 -15.21
N ALA A 77 -5.39 12.86 -14.33
CA ALA A 77 -4.94 12.47 -13.00
C ALA A 77 -6.07 11.74 -12.26
N VAL A 78 -5.74 10.62 -11.61
CA VAL A 78 -6.72 9.78 -10.92
C VAL A 78 -6.12 9.34 -9.58
N LEU A 79 -6.87 9.58 -8.51
CA LEU A 79 -6.52 9.10 -7.18
C LEU A 79 -7.58 8.12 -6.72
N VAL A 80 -7.13 7.06 -6.03
CA VAL A 80 -8.06 6.04 -5.56
C VAL A 80 -7.84 5.82 -4.06
N PHE A 81 -8.96 5.72 -3.35
CA PHE A 81 -8.98 5.35 -1.94
C PHE A 81 -9.51 3.92 -1.87
N ASP A 82 -8.61 2.98 -1.55
CA ASP A 82 -8.97 1.58 -1.52
C ASP A 82 -9.21 1.16 -0.08
N LEU A 83 -10.49 0.88 0.25
CA LEU A 83 -10.92 0.64 1.62
C LEU A 83 -11.21 -0.84 1.87
N PHE A 84 -10.54 -1.40 2.87
CA PHE A 84 -10.79 -2.77 3.30
C PHE A 84 -11.29 -2.79 4.74
N ASP A 85 -12.14 -3.78 5.01
N ASP A 85 -12.17 -3.75 5.05
CA ASP A 85 -12.44 -4.19 6.37
CA ASP A 85 -12.44 -4.06 6.44
C ASP A 85 -11.16 -4.81 6.95
C ASP A 85 -11.23 -4.84 6.96
N TYR A 86 -11.09 -4.93 8.28
CA TYR A 86 -9.99 -5.67 8.88
C TYR A 86 -10.50 -6.58 9.98
N GLN A 87 -9.74 -7.63 10.29
CA GLN A 87 -10.03 -8.42 11.47
C GLN A 87 -8.85 -8.30 12.43
N GLU A 88 -9.20 -8.23 13.70
CA GLU A 88 -8.24 -8.15 14.78
C GLU A 88 -8.03 -9.56 15.33
N ASP A 89 -6.78 -10.01 15.26
CA ASP A 89 -6.48 -11.39 15.59
C ASP A 89 -5.15 -11.42 16.33
N ASN A 90 -5.24 -11.39 17.66
CA ASN A 90 -4.08 -11.48 18.53
C ASN A 90 -3.11 -10.33 18.27
N HIS A 91 -3.64 -9.11 18.31
CA HIS A 91 -2.86 -7.89 18.28
C HIS A 91 -2.23 -7.69 16.89
N ALA A 92 -2.82 -8.35 15.89
CA ALA A 92 -2.52 -8.04 14.50
C ALA A 92 -3.80 -7.60 13.80
N LEU A 93 -3.69 -6.56 12.96
CA LEU A 93 -4.82 -6.17 12.14
C LEU A 93 -4.55 -6.71 10.74
N VAL A 94 -5.50 -7.49 10.23
CA VAL A 94 -5.36 -8.20 8.97
C VAL A 94 -6.44 -7.67 8.04
N GLU A 95 -6.05 -7.36 6.81
CA GLU A 95 -6.97 -6.87 5.79
C GLU A 95 -7.97 -7.98 5.49
N GLY A 96 -9.26 -7.63 5.50
CA GLY A 96 -10.32 -8.56 5.17
C GLY A 96 -10.83 -8.33 3.76
N LYS A 97 -12.12 -8.01 3.63
CA LYS A 97 -12.80 -7.82 2.37
C LYS A 97 -12.75 -6.34 1.99
N ARG A 98 -12.62 -6.03 0.68
CA ARG A 98 -12.76 -4.69 0.16
C ARG A 98 -14.21 -4.22 0.37
N LYS A 99 -14.35 -3.03 0.97
CA LYS A 99 -15.64 -2.43 1.26
C LYS A 99 -16.06 -1.53 0.09
N LEU A 100 -15.15 -0.66 -0.34
CA LEU A 100 -15.42 0.25 -1.44
C LEU A 100 -14.10 0.81 -1.95
N ILE A 101 -14.16 1.46 -3.11
CA ILE A 101 -13.13 2.41 -3.51
C ILE A 101 -13.80 3.78 -3.70
N GLY A 102 -13.09 4.82 -3.29
CA GLY A 102 -13.42 6.20 -3.64
C GLY A 102 -12.46 6.69 -4.72
N VAL A 103 -12.97 7.53 -5.63
CA VAL A 103 -12.23 7.90 -6.82
C VAL A 103 -12.34 9.40 -7.02
N MET A 104 -11.21 10.01 -7.39
CA MET A 104 -11.12 11.39 -7.81
C MET A 104 -10.47 11.42 -9.18
N GLU A 105 -11.16 12.06 -10.12
CA GLU A 105 -10.71 12.09 -11.50
C GLU A 105 -10.63 13.56 -11.91
N ARG A 106 -9.45 13.94 -12.38
CA ARG A 106 -9.15 15.32 -12.71
C ARG A 106 -9.64 15.64 -14.13
N ASP A 107 -10.50 16.67 -14.22
CA ASP A 107 -10.92 17.24 -15.48
C ASP A 107 -11.56 18.60 -15.20
N ALA A 108 -10.75 19.66 -15.38
CA ALA A 108 -11.10 21.01 -14.96
C ALA A 108 -12.35 21.51 -15.65
N LYS A 109 -12.57 21.08 -16.90
CA LYS A 109 -13.76 21.45 -17.66
C LYS A 109 -14.97 20.71 -17.10
N ARG A 110 -14.95 19.38 -17.20
CA ARG A 110 -16.13 18.58 -16.93
C ARG A 110 -16.53 18.59 -15.45
N PHE A 111 -15.57 18.83 -14.54
CA PHE A 111 -15.84 18.65 -13.12
C PHE A 111 -15.74 19.99 -12.40
N SER A 112 -15.98 21.04 -13.17
CA SER A 112 -15.92 22.43 -12.73
C SER A 112 -16.78 22.65 -11.49
N ALA A 113 -17.94 22.00 -11.45
CA ALA A 113 -18.89 22.21 -10.37
C ALA A 113 -18.29 21.73 -9.04
N THR A 114 -17.28 20.83 -9.11
CA THR A 114 -16.70 20.28 -7.90
C THR A 114 -15.19 20.52 -7.89
N GLY A 115 -14.79 21.70 -8.35
CA GLY A 115 -13.42 22.19 -8.21
C GLY A 115 -12.45 21.46 -9.13
N GLY A 116 -12.99 20.84 -10.19
CA GLY A 116 -12.15 20.27 -11.22
C GLY A 116 -11.90 18.77 -11.02
N TRP A 117 -12.35 18.25 -9.88
CA TRP A 117 -12.32 16.82 -9.61
C TRP A 117 -13.74 16.27 -9.63
N GLY A 118 -13.91 15.12 -10.27
CA GLY A 118 -15.13 14.33 -10.16
C GLY A 118 -14.95 13.22 -9.13
N TYR A 119 -15.95 13.09 -8.24
CA TYR A 119 -15.92 12.18 -7.11
C TYR A 119 -16.93 11.06 -7.32
N GLU A 120 -16.51 9.81 -7.09
CA GLU A 120 -17.39 8.66 -7.19
C GLU A 120 -16.98 7.61 -6.16
N GLY A 121 -17.94 6.78 -5.76
CA GLY A 121 -17.73 5.61 -4.92
C GLY A 121 -18.23 4.35 -5.63
N PHE A 122 -17.41 3.29 -5.62
CA PHE A 122 -17.79 2.01 -6.18
C PHE A 122 -17.85 0.98 -5.06
N GLY A 123 -19.09 0.60 -4.70
CA GLY A 123 -19.31 -0.42 -3.69
C GLY A 123 -18.49 -1.66 -3.98
N GLU A 124 -17.74 -2.14 -2.98
CA GLU A 124 -16.91 -3.33 -3.06
C GLU A 124 -15.92 -3.25 -4.23
N GLY A 125 -15.68 -2.05 -4.76
CA GLY A 125 -14.80 -1.89 -5.91
C GLY A 125 -15.39 -2.46 -7.20
N LYS A 126 -16.71 -2.62 -7.26
CA LYS A 126 -17.34 -3.18 -8.46
C LYS A 126 -17.86 -2.05 -9.34
N PRO A 127 -17.64 -2.12 -10.68
CA PRO A 127 -18.01 -1.03 -11.58
C PRO A 127 -19.48 -0.63 -11.63
N ASP A 128 -20.38 -1.56 -11.28
N ASP A 128 -20.36 -1.57 -11.25
CA ASP A 128 -21.81 -1.33 -11.37
CA ASP A 128 -21.80 -1.40 -11.36
C ASP A 128 -22.36 -0.65 -10.12
C ASP A 128 -22.41 -1.09 -9.99
N LYS A 129 -21.58 -0.65 -9.03
CA LYS A 129 -22.09 -0.27 -7.72
C LYS A 129 -21.72 1.16 -7.35
N ARG A 130 -22.28 2.12 -8.09
CA ARG A 130 -22.03 3.53 -7.86
C ARG A 130 -22.74 4.04 -6.60
N LEU A 131 -22.01 4.81 -5.79
CA LEU A 131 -22.45 5.16 -4.46
C LEU A 131 -22.87 6.63 -4.41
N VAL A 132 -22.40 7.43 -5.37
CA VAL A 132 -22.62 8.86 -5.29
C VAL A 132 -23.94 9.20 -5.98
N THR A 133 -24.77 10.00 -5.30
CA THR A 133 -26.12 10.29 -5.77
C THR A 133 -26.35 11.80 -5.93
N ASP A 134 -25.39 12.60 -5.48
CA ASP A 134 -25.58 14.04 -5.36
C ASP A 134 -24.53 14.78 -6.18
N GLY A 135 -24.07 14.15 -7.27
CA GLY A 135 -23.07 14.75 -8.15
C GLY A 135 -21.75 15.05 -7.43
N GLY A 136 -21.48 14.36 -6.32
CA GLY A 136 -20.22 14.44 -5.62
C GLY A 136 -20.12 15.67 -4.71
N GLN A 137 -21.26 16.31 -4.47
CA GLN A 137 -21.30 17.54 -3.71
C GLN A 137 -20.83 17.28 -2.28
N GLY A 138 -21.29 16.15 -1.72
CA GLY A 138 -20.99 15.79 -0.36
C GLY A 138 -19.49 15.53 -0.15
N CYS A 139 -18.91 14.75 -1.07
CA CYS A 139 -17.47 14.50 -1.04
C CYS A 139 -16.73 15.83 -1.13
N PHE A 140 -17.17 16.67 -2.08
CA PHE A 140 -16.50 17.91 -2.39
C PHE A 140 -16.51 18.84 -1.18
N GLY A 141 -17.61 18.82 -0.42
CA GLY A 141 -17.79 19.71 0.72
C GLY A 141 -16.64 19.57 1.73
N CYS A 142 -16.21 18.33 1.96
CA CYS A 142 -15.16 18.07 2.93
C CYS A 142 -13.79 18.30 2.29
N HIS A 143 -13.65 17.90 1.03
CA HIS A 143 -12.37 18.05 0.32
C HIS A 143 -12.02 19.53 0.13
N ALA A 144 -13.04 20.41 0.23
CA ALA A 144 -12.90 21.83 -0.06
C ALA A 144 -11.94 22.51 0.91
N ALA A 145 -11.85 22.00 2.14
CA ALA A 145 -10.93 22.55 3.14
C ALA A 145 -9.48 22.49 2.65
N GLN A 146 -9.18 21.57 1.72
CA GLN A 146 -7.83 21.40 1.21
C GLN A 146 -7.66 22.13 -0.13
N LYS A 147 -8.44 23.20 -0.32
CA LYS A 147 -8.39 24.08 -1.47
C LYS A 147 -6.94 24.35 -1.90
N GLU A 148 -6.09 24.65 -0.91
CA GLU A 148 -4.73 25.14 -1.14
C GLU A 148 -3.87 24.08 -1.82
N SER A 149 -4.17 22.80 -1.57
CA SER A 149 -3.36 21.75 -2.18
C SER A 149 -4.18 20.99 -3.22
N GLN A 150 -5.05 21.75 -3.91
CA GLN A 150 -5.77 21.26 -5.08
C GLN A 150 -6.79 20.19 -4.66
N TYR A 151 -7.24 20.31 -3.41
CA TYR A 151 -8.33 19.53 -2.85
C TYR A 151 -7.90 18.10 -2.49
N VAL A 152 -6.58 17.86 -2.41
CA VAL A 152 -6.07 16.55 -2.05
C VAL A 152 -5.52 16.62 -0.63
N PHE A 153 -5.86 15.60 0.17
CA PHE A 153 -5.39 15.44 1.54
C PHE A 153 -4.03 14.76 1.55
N SER A 154 -3.91 13.61 0.86
CA SER A 154 -2.72 12.79 0.89
C SER A 154 -1.49 13.59 0.49
N ARG A 155 -0.37 13.34 1.17
CA ARG A 155 0.94 13.89 0.81
C ARG A 155 1.90 12.74 0.51
N LEU A 156 2.79 12.97 -0.47
CA LEU A 156 3.77 11.97 -0.83
C LEU A 156 4.82 11.91 0.27
N ARG A 157 5.14 10.68 0.69
CA ARG A 157 6.20 10.38 1.63
C ARG A 157 7.21 9.48 0.94
N ASP A 158 8.37 9.25 1.58
CA ASP A 158 9.33 8.31 1.03
C ASP A 158 8.81 6.87 1.22
N THR B 23 27.11 -12.52 -3.35
CA THR B 23 26.96 -12.89 -1.93
C THR B 23 26.10 -11.84 -1.20
N LYS B 24 26.07 -10.61 -1.73
CA LYS B 24 25.35 -9.55 -1.06
C LYS B 24 24.06 -9.25 -1.82
N VAL B 25 23.00 -8.96 -1.07
CA VAL B 25 21.72 -8.53 -1.63
C VAL B 25 21.84 -7.05 -1.99
N LYS B 26 21.35 -6.72 -3.19
CA LYS B 26 21.30 -5.34 -3.66
C LYS B 26 20.23 -4.58 -2.91
N TYR B 27 20.50 -3.30 -2.64
CA TYR B 27 19.46 -2.40 -2.18
C TYR B 27 18.43 -2.24 -3.30
N PRO B 28 17.12 -2.48 -3.04
CA PRO B 28 16.12 -2.49 -4.11
C PRO B 28 15.64 -1.09 -4.47
N ASP B 29 16.50 -0.35 -5.18
CA ASP B 29 16.23 1.03 -5.61
C ASP B 29 14.92 1.10 -6.38
N GLY B 30 14.10 2.10 -6.03
CA GLY B 30 12.85 2.33 -6.74
C GLY B 30 11.74 1.38 -6.30
N PHE B 31 11.98 0.64 -5.20
CA PHE B 31 11.01 -0.33 -4.73
C PHE B 31 9.67 0.35 -4.46
N ARG B 32 9.70 1.63 -4.05
CA ARG B 32 8.48 2.34 -3.66
C ARG B 32 7.49 2.43 -4.82
N SER B 33 7.96 2.23 -6.05
CA SER B 33 7.04 2.35 -7.17
C SER B 33 6.61 0.98 -7.68
N TRP B 34 6.89 -0.08 -6.91
CA TRP B 34 6.53 -1.43 -7.31
C TRP B 34 5.09 -1.75 -6.92
N TYR B 35 4.64 -2.95 -7.29
CA TYR B 35 3.31 -3.41 -6.98
C TYR B 35 3.19 -3.65 -5.47
N HIS B 36 2.20 -3.00 -4.86
CA HIS B 36 1.88 -3.17 -3.46
C HIS B 36 1.04 -4.43 -3.28
N VAL B 37 1.60 -5.45 -2.65
CA VAL B 37 0.99 -6.76 -2.52
C VAL B 37 -0.06 -6.75 -1.42
N LYS B 38 0.34 -6.27 -0.24
CA LYS B 38 -0.52 -6.28 0.93
C LYS B 38 0.09 -5.40 2.04
N SER B 39 -0.66 -5.28 3.13
CA SER B 39 -0.23 -4.60 4.34
C SER B 39 -0.78 -5.34 5.54
N MET B 40 -0.14 -5.16 6.70
CA MET B 40 -0.58 -5.77 7.94
C MET B 40 -0.18 -4.85 9.08
N VAL B 41 -0.95 -4.85 10.18
CA VAL B 41 -0.57 -4.10 11.37
C VAL B 41 -0.20 -5.08 12.48
N ILE B 42 0.98 -4.87 13.10
CA ILE B 42 1.40 -5.68 14.24
C ILE B 42 1.54 -4.76 15.46
N GLN B 43 0.74 -5.07 16.47
CA GLN B 43 0.52 -4.24 17.66
C GLN B 43 1.15 -4.87 18.90
N PRO B 44 1.35 -4.09 19.98
CA PRO B 44 1.91 -4.65 21.22
C PRO B 44 1.11 -5.86 21.69
N GLY B 45 1.81 -6.93 22.07
CA GLY B 45 1.16 -8.14 22.54
C GLY B 45 1.27 -9.27 21.52
N HIS B 46 1.43 -8.91 20.24
CA HIS B 46 1.63 -9.89 19.20
C HIS B 46 3.02 -10.51 19.37
N PRO B 47 3.19 -11.84 19.15
CA PRO B 47 4.48 -12.48 19.31
C PRO B 47 5.63 -11.92 18.47
N LEU B 48 5.30 -11.16 17.43
CA LEU B 48 6.35 -10.64 16.56
C LEU B 48 6.55 -9.13 16.75
N GLU B 49 6.02 -8.56 17.85
CA GLU B 49 6.13 -7.15 18.16
C GLU B 49 7.59 -6.72 18.11
N ASN B 50 8.48 -7.58 18.59
CA ASN B 50 9.91 -7.45 18.41
C ASN B 50 10.35 -8.45 17.34
N PRO B 51 10.87 -8.00 16.18
CA PRO B 51 11.08 -6.58 15.92
C PRO B 51 10.13 -5.99 14.86
N PHE B 52 9.05 -6.70 14.56
CA PHE B 52 8.23 -6.39 13.39
C PHE B 52 7.02 -5.52 13.74
N GLY B 53 6.94 -5.03 14.99
CA GLY B 53 5.87 -4.11 15.39
C GLY B 53 5.76 -2.92 14.45
N GLY B 54 4.52 -2.56 14.09
CA GLY B 54 4.25 -1.42 13.22
C GLY B 54 3.31 -1.78 12.07
N ILE B 55 3.12 -0.82 11.15
CA ILE B 55 2.42 -1.04 9.90
C ILE B 55 3.48 -1.49 8.90
N HIS B 56 3.23 -2.58 8.18
CA HIS B 56 4.17 -2.97 7.14
C HIS B 56 3.45 -3.16 5.80
N HIS B 57 4.19 -2.92 4.73
CA HIS B 57 3.73 -3.06 3.36
C HIS B 57 4.69 -3.98 2.64
N VAL B 58 4.12 -4.85 1.78
CA VAL B 58 4.93 -5.74 0.98
C VAL B 58 4.82 -5.26 -0.46
N TYR B 59 5.97 -5.15 -1.12
CA TYR B 59 6.09 -4.74 -2.52
C TYR B 59 6.77 -5.85 -3.32
N ALA B 60 6.36 -6.00 -4.58
CA ALA B 60 6.95 -7.01 -5.45
C ALA B 60 7.30 -6.37 -6.79
N ASN B 61 8.50 -6.70 -7.31
CA ASN B 61 8.85 -6.32 -8.66
C ASN B 61 8.18 -7.28 -9.63
N ALA B 62 8.37 -7.03 -10.93
CA ALA B 62 7.69 -7.77 -11.99
C ALA B 62 8.05 -9.26 -11.93
N GLU B 63 9.32 -9.57 -11.70
CA GLU B 63 9.71 -10.97 -11.60
C GLU B 63 9.04 -11.65 -10.40
N ALA B 64 8.93 -10.94 -9.28
CA ALA B 64 8.29 -11.50 -8.10
C ALA B 64 6.81 -11.79 -8.37
N ILE B 65 6.15 -10.93 -9.17
CA ILE B 65 4.73 -11.06 -9.45
C ILE B 65 4.44 -12.38 -10.17
N GLN B 66 5.33 -12.76 -11.10
CA GLN B 66 5.20 -14.02 -11.81
C GLN B 66 5.21 -15.19 -10.81
N GLY B 67 6.13 -15.12 -9.82
CA GLY B 67 6.18 -16.13 -8.77
C GLY B 67 4.90 -16.12 -7.93
N LEU B 68 4.43 -14.91 -7.59
CA LEU B 68 3.29 -14.73 -6.71
C LEU B 68 2.02 -15.22 -7.39
N ARG B 69 1.98 -15.13 -8.73
CA ARG B 69 0.78 -15.38 -9.50
C ARG B 69 0.46 -16.88 -9.52
N GLY B 70 1.49 -17.70 -9.34
CA GLY B 70 1.32 -19.14 -9.37
C GLY B 70 2.40 -19.76 -10.23
N GLY B 71 3.07 -18.90 -11.01
CA GLY B 71 4.27 -19.29 -11.74
C GLY B 71 5.43 -19.61 -10.81
N ASN B 72 6.63 -19.75 -11.38
CA ASN B 72 7.85 -19.92 -10.61
C ASN B 72 8.55 -18.58 -10.50
N TYR B 73 9.49 -18.50 -9.54
CA TYR B 73 10.21 -17.26 -9.29
C TYR B 73 11.45 -17.19 -10.17
N PRO B 74 11.50 -16.29 -11.17
CA PRO B 74 12.73 -15.98 -11.89
C PRO B 74 13.78 -15.39 -10.94
N ASP B 75 15.04 -15.77 -11.15
CA ASP B 75 16.16 -15.04 -10.59
C ASP B 75 15.96 -13.56 -10.88
N GLY B 76 16.19 -12.71 -9.87
CA GLY B 76 16.01 -11.28 -10.05
C GLY B 76 14.68 -10.81 -9.47
N ALA B 77 13.84 -11.76 -9.02
CA ALA B 77 12.63 -11.45 -8.28
C ALA B 77 13.02 -10.90 -6.92
N VAL B 78 12.33 -9.84 -6.51
CA VAL B 78 12.59 -9.16 -5.24
C VAL B 78 11.25 -8.84 -4.56
N LEU B 79 11.17 -9.18 -3.27
CA LEU B 79 10.08 -8.79 -2.38
C LEU B 79 10.64 -7.86 -1.32
N VAL B 80 9.87 -6.81 -0.98
CA VAL B 80 10.29 -5.88 0.05
C VAL B 80 9.24 -5.82 1.14
N PHE B 81 9.70 -5.94 2.39
CA PHE B 81 8.92 -5.67 3.59
C PHE B 81 9.28 -4.26 4.06
N ASP B 82 8.31 -3.35 3.96
CA ASP B 82 8.53 -1.96 4.34
C ASP B 82 7.78 -1.69 5.65
N LEU B 83 8.56 -1.45 6.72
CA LEU B 83 8.04 -1.40 8.08
C LEU B 83 8.08 0.02 8.64
N PHE B 84 6.92 0.52 9.07
CA PHE B 84 6.77 1.82 9.70
C PHE B 84 6.30 1.68 11.14
N ASP B 85 6.75 2.63 11.95
CA ASP B 85 6.17 2.90 13.26
C ASP B 85 4.82 3.57 12.98
N TYR B 86 3.88 3.45 13.91
CA TYR B 86 2.64 4.19 13.75
C TYR B 86 2.35 4.93 15.04
N GLN B 87 1.50 5.97 14.93
CA GLN B 87 0.99 6.72 16.07
C GLN B 87 -0.53 6.55 16.10
N GLU B 88 -1.08 6.53 17.33
CA GLU B 88 -2.52 6.55 17.51
C GLU B 88 -2.98 8.00 17.60
N ASP B 89 -3.99 8.31 16.79
CA ASP B 89 -4.48 9.65 16.61
C ASP B 89 -6.01 9.59 16.52
N ASN B 90 -6.66 9.58 17.69
CA ASN B 90 -8.11 9.64 17.79
C ASN B 90 -8.75 8.50 16.98
N HIS B 91 -8.37 7.26 17.30
CA HIS B 91 -8.89 6.07 16.62
C HIS B 91 -8.48 6.02 15.16
N ALA B 92 -7.35 6.64 14.84
CA ALA B 92 -6.71 6.35 13.57
C ALA B 92 -5.29 5.90 13.87
N LEU B 93 -4.80 4.90 13.12
CA LEU B 93 -3.39 4.54 13.16
C LEU B 93 -2.72 5.19 11.96
N VAL B 94 -1.71 6.01 12.22
CA VAL B 94 -1.11 6.86 11.20
C VAL B 94 0.35 6.46 11.07
N GLU B 95 0.85 6.44 9.82
CA GLU B 95 2.21 6.00 9.55
C GLU B 95 3.18 7.03 10.11
N GLY B 96 4.13 6.57 10.93
CA GLY B 96 5.20 7.44 11.40
C GLY B 96 6.46 7.19 10.60
N LYS B 97 7.57 6.97 11.30
CA LYS B 97 8.88 6.90 10.68
C LYS B 97 9.18 5.47 10.23
N ARG B 98 9.87 5.34 9.08
CA ARG B 98 10.28 4.03 8.58
C ARG B 98 11.29 3.44 9.56
N LYS B 99 11.02 2.21 10.04
CA LYS B 99 11.91 1.51 10.96
C LYS B 99 12.95 0.69 10.20
N LEU B 100 12.54 -0.04 9.16
CA LEU B 100 13.46 -0.80 8.35
C LEU B 100 12.74 -1.29 7.09
N ILE B 101 13.51 -1.65 6.06
CA ILE B 101 13.02 -2.50 5.00
C ILE B 101 13.74 -3.85 5.11
N GLY B 102 12.97 -4.92 4.89
CA GLY B 102 13.50 -6.26 4.68
C GLY B 102 13.43 -6.60 3.19
N VAL B 103 14.35 -7.44 2.72
CA VAL B 103 14.52 -7.68 1.29
C VAL B 103 14.80 -9.17 1.07
N MET B 104 14.09 -9.76 0.12
CA MET B 104 14.40 -11.09 -0.37
C MET B 104 14.69 -10.98 -1.87
N GLU B 105 15.86 -11.48 -2.27
CA GLU B 105 16.33 -11.38 -3.64
C GLU B 105 16.55 -12.81 -4.16
N ARG B 106 15.86 -13.13 -5.26
CA ARG B 106 15.89 -14.48 -5.82
C ARG B 106 17.14 -14.67 -6.67
N ASP B 107 18.00 -15.59 -6.23
CA ASP B 107 19.02 -16.16 -7.09
C ASP B 107 19.25 -17.62 -6.70
N ALA B 108 18.76 -18.52 -7.55
CA ALA B 108 18.70 -19.94 -7.23
C ALA B 108 20.10 -20.47 -6.91
N LYS B 109 21.10 -20.05 -7.70
CA LYS B 109 22.44 -20.59 -7.53
C LYS B 109 23.20 -19.88 -6.42
N ARG B 110 23.15 -18.55 -6.37
CA ARG B 110 23.99 -17.80 -5.44
C ARG B 110 23.45 -17.90 -4.02
N PHE B 111 22.13 -17.93 -3.85
CA PHE B 111 21.55 -17.90 -2.51
C PHE B 111 21.01 -19.27 -2.13
N SER B 112 21.64 -20.34 -2.64
CA SER B 112 21.11 -21.68 -2.46
C SER B 112 21.26 -22.15 -1.01
N ALA B 113 22.15 -21.50 -0.26
CA ALA B 113 22.35 -21.81 1.15
C ALA B 113 21.14 -21.40 2.00
N THR B 114 20.36 -20.43 1.52
CA THR B 114 19.13 -20.02 2.19
C THR B 114 17.98 -20.15 1.21
N GLY B 115 18.07 -21.19 0.35
CA GLY B 115 16.93 -21.71 -0.38
C GLY B 115 16.58 -20.90 -1.62
N GLY B 116 17.55 -20.13 -2.15
CA GLY B 116 17.37 -19.45 -3.42
C GLY B 116 17.07 -17.95 -3.27
N TRP B 117 16.82 -17.53 -2.02
CA TRP B 117 16.55 -16.13 -1.69
C TRP B 117 17.67 -15.60 -0.82
N GLY B 118 18.24 -14.45 -1.22
CA GLY B 118 19.11 -13.71 -0.33
C GLY B 118 18.28 -12.78 0.57
N TYR B 119 18.62 -12.77 1.87
CA TYR B 119 17.92 -11.99 2.87
C TYR B 119 18.78 -10.83 3.37
N GLU B 120 18.19 -9.63 3.47
CA GLU B 120 18.91 -8.47 3.98
C GLU B 120 17.93 -7.49 4.61
N GLY B 121 18.38 -6.82 5.68
CA GLY B 121 17.66 -5.73 6.33
C GLY B 121 18.44 -4.43 6.22
N PHE B 122 17.74 -3.34 5.86
CA PHE B 122 18.35 -2.02 5.83
C PHE B 122 17.69 -1.17 6.90
N GLY B 123 18.46 -0.84 7.95
CA GLY B 123 17.92 -0.01 9.03
C GLY B 123 17.40 1.31 8.47
N GLU B 124 16.17 1.67 8.84
CA GLU B 124 15.52 2.90 8.41
C GLU B 124 15.45 3.00 6.89
N GLY B 125 15.60 1.86 6.19
CA GLY B 125 15.58 1.84 4.74
C GLY B 125 16.82 2.48 4.14
N LYS B 126 17.82 2.75 4.99
CA LYS B 126 19.04 3.39 4.54
C LYS B 126 19.95 2.35 3.90
N PRO B 127 20.46 2.61 2.67
CA PRO B 127 21.37 1.68 1.99
C PRO B 127 22.65 1.30 2.74
N ASP B 128 23.11 2.15 3.66
N ASP B 128 23.06 2.17 3.67
CA ASP B 128 24.39 1.92 4.32
CA ASP B 128 24.34 2.06 4.35
C ASP B 128 24.24 1.04 5.56
C ASP B 128 24.16 1.54 5.78
N LYS B 129 23.00 0.92 6.06
CA LYS B 129 22.76 0.30 7.36
C LYS B 129 22.31 -1.15 7.19
N ARG B 130 23.14 -1.96 6.51
CA ARG B 130 22.91 -3.39 6.39
C ARG B 130 22.88 -4.02 7.77
N LEU B 131 21.91 -4.91 8.01
CA LEU B 131 21.62 -5.40 9.35
C LEU B 131 22.00 -6.87 9.49
N VAL B 132 22.05 -7.62 8.39
CA VAL B 132 22.18 -9.06 8.51
C VAL B 132 23.66 -9.43 8.61
N THR B 133 24.02 -10.23 9.63
CA THR B 133 25.40 -10.56 9.95
C THR B 133 25.67 -12.06 9.81
N ASP B 134 24.64 -12.86 9.51
CA ASP B 134 24.83 -14.31 9.56
C ASP B 134 24.56 -14.95 8.20
N GLY B 135 24.65 -14.14 7.13
CA GLY B 135 24.32 -14.62 5.79
C GLY B 135 22.83 -14.92 5.63
N GLY B 136 22.00 -14.47 6.57
CA GLY B 136 20.55 -14.54 6.44
C GLY B 136 19.97 -15.85 6.97
N GLN B 137 20.71 -16.54 7.84
CA GLN B 137 20.30 -17.81 8.41
C GLN B 137 19.11 -17.58 9.33
N GLY B 138 19.22 -16.57 10.19
CA GLY B 138 18.15 -16.16 11.09
C GLY B 138 16.84 -15.90 10.33
N CYS B 139 16.91 -15.16 9.23
CA CYS B 139 15.71 -14.83 8.47
C CYS B 139 15.13 -16.10 7.83
N PHE B 140 16.02 -16.92 7.26
CA PHE B 140 15.62 -18.13 6.56
C PHE B 140 14.93 -19.09 7.53
N GLY B 141 15.42 -19.13 8.78
CA GLY B 141 14.94 -20.07 9.77
C GLY B 141 13.44 -19.94 9.99
N CYS B 142 12.89 -18.76 9.75
CA CYS B 142 11.47 -18.54 9.97
C CYS B 142 10.72 -18.78 8.66
N HIS B 143 11.31 -18.36 7.53
CA HIS B 143 10.68 -18.47 6.22
C HIS B 143 10.72 -19.91 5.70
N ALA B 144 11.50 -20.79 6.36
CA ALA B 144 11.66 -22.16 5.92
C ALA B 144 10.37 -22.94 6.10
N ALA B 145 9.54 -22.51 7.05
CA ALA B 145 8.23 -23.09 7.30
C ALA B 145 7.33 -22.93 6.06
N GLN B 146 7.71 -22.02 5.17
CA GLN B 146 6.87 -21.72 4.02
C GLN B 146 7.47 -22.37 2.77
N LYS B 147 8.19 -23.48 2.98
CA LYS B 147 8.90 -24.19 1.93
C LYS B 147 8.01 -24.41 0.72
N GLU B 148 6.78 -24.87 0.94
CA GLU B 148 5.89 -25.29 -0.13
C GLU B 148 5.44 -24.12 -1.01
N SER B 149 5.58 -22.89 -0.52
CA SER B 149 5.32 -21.73 -1.35
C SER B 149 6.59 -20.91 -1.52
N GLN B 150 7.71 -21.60 -1.68
CA GLN B 150 8.98 -20.99 -2.03
C GLN B 150 9.37 -19.91 -1.02
N TYR B 151 9.02 -20.13 0.25
CA TYR B 151 9.53 -19.37 1.38
C TYR B 151 8.90 -17.98 1.47
N VAL B 152 7.82 -17.75 0.72
CA VAL B 152 7.08 -16.50 0.75
C VAL B 152 5.79 -16.73 1.54
N PHE B 153 5.50 -15.81 2.46
CA PHE B 153 4.29 -15.90 3.27
C PHE B 153 3.17 -15.18 2.54
N SER B 154 3.50 -14.04 1.94
CA SER B 154 2.55 -13.15 1.31
C SER B 154 1.84 -13.87 0.16
N ARG B 155 0.52 -13.71 0.12
CA ARG B 155 -0.33 -14.16 -0.96
C ARG B 155 -0.84 -12.92 -1.69
N LEU B 156 -1.01 -13.04 -3.01
CA LEU B 156 -1.55 -11.95 -3.81
C LEU B 156 -3.05 -11.88 -3.56
N ARG B 157 -3.58 -10.67 -3.38
CA ARG B 157 -5.02 -10.49 -3.21
C ARG B 157 -5.57 -9.62 -4.34
N ASP B 158 -6.86 -9.31 -4.28
CA ASP B 158 -7.50 -8.47 -5.28
C ASP B 158 -7.21 -6.99 -4.96
FE HEC C . -12.17 11.87 0.72
CHA HEC C . -8.88 10.94 0.93
CHB HEC C . -12.36 10.52 -2.46
CHC HEC C . -15.62 12.08 0.84
CHD HEC C . -11.99 13.37 3.82
NA HEC C . -10.83 10.92 -0.58
C1A HEC C . -9.54 10.70 -0.35
C2A HEC C . -8.85 10.03 -1.48
C3A HEC C . -9.88 9.91 -2.52
C4A HEC C . -11.04 10.48 -1.84
CMA HEC C . -9.78 9.32 -3.92
CAA HEC C . -7.41 9.72 -1.53
CBA HEC C . -6.89 11.10 -2.09
CGA HEC C . -6.71 12.26 -1.11
O1A HEC C . -5.96 12.13 -0.09
O2A HEC C . -7.31 13.35 -1.32
NB HEC C . -13.73 11.36 -0.57
C1B HEC C . -13.65 10.80 -1.80
C2B HEC C . -14.94 10.54 -2.47
C3B HEC C . -15.90 11.00 -1.44
C4B HEC C . -15.04 11.47 -0.34
CMB HEC C . -15.13 9.94 -3.83
CAB HEC C . -17.43 11.03 -1.45
CBB HEC C . -18.03 9.65 -1.82
NC HEC C . -13.56 12.63 2.10
C1C HEC C . -14.92 12.69 1.97
C2C HEC C . -15.67 13.36 3.06
C3C HEC C . -14.58 13.72 3.97
C4C HEC C . -13.34 13.26 3.27
CMC HEC C . -17.16 13.56 3.19
CAC HEC C . -14.68 14.54 5.24
CBC HEC C . -13.76 14.21 6.38
ND HEC C . -10.69 12.07 2.17
C1D HEC C . -10.79 12.65 3.39
C2D HEC C . -9.53 12.60 4.19
C3D HEC C . -8.62 11.86 3.31
C4D HEC C . -9.44 11.58 2.12
CMD HEC C . -9.23 13.16 5.55
CAD HEC C . -7.17 11.50 3.53
CBD HEC C . -6.97 10.05 3.90
CGD HEC C . -5.50 9.94 4.23
O1D HEC C . -4.96 8.81 4.14
O2D HEC C . -4.87 10.98 4.56
ZN ZN D . -5.33 -5.67 20.80
C1 GOL E . -9.87 -5.03 -10.97
O1 GOL E . -9.54 -3.70 -11.36
C2 GOL E . -9.79 -5.23 -9.47
O2 GOL E . -8.53 -4.79 -8.96
C3 GOL E . -10.93 -4.59 -8.70
O3 GOL E . -11.81 -5.56 -8.15
ZN ZN F . -12.51 8.17 21.62
FE HEC G . 10.20 -12.31 6.98
CHA HEC G . 7.39 -11.50 5.15
CHB HEC G . 12.20 -10.55 4.70
CHC HEC G . 12.96 -12.58 9.11
CHD HEC G . 8.29 -13.94 9.29
NA HEC G . 9.86 -11.26 5.21
C1A HEC G . 8.68 -11.06 4.60
C2A HEC G . 8.77 -10.32 3.33
C3A HEC G . 10.19 -10.05 3.18
C4A HEC G . 10.75 -10.64 4.41
CMA HEC G . 10.92 -9.30 2.09
CAA HEC G . 7.63 -10.02 2.41
CBA HEC G . 7.58 -11.29 1.52
CGA HEC G . 6.90 -12.52 2.15
O1A HEC G . 5.70 -12.47 2.50
O2A HEC G . 7.54 -13.58 2.36
NB HEC G . 12.20 -11.68 6.91
C1B HEC G . 12.84 -10.93 5.96
C2B HEC G . 14.28 -10.61 6.23
C3B HEC G . 14.46 -11.24 7.55
C4B HEC G . 13.15 -11.84 7.87
CMB HEC G . 15.28 -9.85 5.39
CAB HEC G . 15.68 -11.30 8.47
CBB HEC G . 16.29 -9.92 8.64
NC HEC G . 10.58 -13.15 8.85
C1C HEC G . 11.73 -13.20 9.56
C2C HEC G . 11.70 -13.91 10.86
C3C HEC G . 10.28 -14.30 10.90
C4C HEC G . 9.71 -13.80 9.63
CMC HEC G . 12.85 -14.11 11.82
CAC HEC G . 9.48 -15.14 11.87
CBC HEC G . 9.95 -15.24 13.32
ND HEC G . 8.15 -12.62 7.23
C1D HEC G . 7.52 -13.25 8.25
C2D HEC G . 6.04 -13.29 8.13
C3D HEC G . 5.80 -12.56 6.88
C4D HEC G . 7.16 -12.19 6.43
CMD HEC G . 4.98 -13.89 9.03
CAD HEC G . 4.50 -12.22 6.21
CBD HEC G . 3.99 -10.88 6.75
CGD HEC G . 2.72 -10.54 6.02
O1D HEC G . 2.36 -9.35 5.92
O2D HEC G . 2.02 -11.46 5.52
#